data_1UH1
#
_entry.id   1UH1
#
_cell.length_a   129.446
_cell.length_b   129.446
_cell.length_c   158.346
_cell.angle_alpha   90.00
_cell.angle_beta   90.00
_cell.angle_gamma   120.00
#
_symmetry.space_group_name_H-M   'P 65 2 2'
#
loop_
_entity.id
_entity.type
_entity.pdbx_description
1 polymer 'Agglutinin alpha chain'
2 polymer 'Agglutinin beta-3 chain'
3 branched '2-acetamido-2-deoxy-beta-D-galactopyranose-(1-3)-methyl alpha-D-galactopyranoside'
4 non-polymer 'methyl 2-acetamido-2-deoxy-alpha-D-galactopyranoside'
5 water water
#
loop_
_entity_poly.entity_id
_entity_poly.type
_entity_poly.pdbx_seq_one_letter_code
_entity_poly.pdbx_strand_id
1 'polypeptide(L)'
;GKAFDDGAFTGIREINLSYNKETAIGDFQVVYDLNGSPYVGQNHKSFITGFTPVKISLDFPSEYIMEVSGYTGNVSGYVV
VRSLTFKTNKKTYGPYGVTSGTPFNLPIENGLIVGFKGSIGYWLDYFSMYLSL
;
A,C,E,G
2 'polypeptide(L)' DEQSGKSQTVIVGPWGAKVS B,D,F,H
#
# COMPACT_ATOMS: atom_id res chain seq x y z
N GLY A 1 40.09 14.11 -53.62
CA GLY A 1 38.97 13.19 -53.32
C GLY A 1 38.00 13.11 -54.48
N LYS A 2 36.99 12.27 -54.37
CA LYS A 2 36.03 12.16 -55.45
C LYS A 2 34.91 13.17 -55.26
N ALA A 3 34.72 14.02 -56.26
CA ALA A 3 33.71 15.04 -56.22
C ALA A 3 32.28 14.51 -56.41
N PHE A 4 31.32 15.22 -55.84
CA PHE A 4 29.92 14.84 -55.98
C PHE A 4 29.07 16.10 -56.05
N ASP A 5 27.88 15.96 -56.62
CA ASP A 5 26.96 17.08 -56.77
C ASP A 5 25.55 16.50 -56.84
N ASP A 6 24.82 16.59 -55.74
CA ASP A 6 23.48 16.05 -55.70
C ASP A 6 22.48 16.87 -56.49
N GLY A 7 22.80 18.14 -56.72
CA GLY A 7 21.87 18.99 -57.44
C GLY A 7 20.91 19.62 -56.47
N ALA A 8 19.78 20.12 -56.97
CA ALA A 8 18.81 20.78 -56.10
C ALA A 8 17.51 20.01 -55.99
N PHE A 9 16.84 20.17 -54.84
CA PHE A 9 15.56 19.51 -54.60
C PHE A 9 14.56 20.44 -53.92
N THR A 10 13.46 19.87 -53.44
CA THR A 10 12.42 20.64 -52.80
C THR A 10 12.73 20.92 -51.34
N GLY A 11 13.56 20.08 -50.73
CA GLY A 11 13.91 20.25 -49.34
C GLY A 11 14.73 19.10 -48.79
N ILE A 12 14.98 19.14 -47.49
CA ILE A 12 15.79 18.11 -46.85
C ILE A 12 14.99 17.38 -45.79
N ARG A 13 15.05 16.06 -45.84
CA ARG A 13 14.34 15.22 -44.90
C ARG A 13 15.24 14.58 -43.86
N GLU A 14 16.37 14.05 -44.32
CA GLU A 14 17.29 13.37 -43.42
C GLU A 14 18.74 13.49 -43.90
N ILE A 15 19.67 13.53 -42.95
CA ILE A 15 21.09 13.62 -43.30
C ILE A 15 21.86 12.53 -42.58
N ASN A 16 22.67 11.79 -43.32
CA ASN A 16 23.46 10.71 -42.75
C ASN A 16 24.93 10.93 -42.99
N LEU A 17 25.65 11.23 -41.92
CA LEU A 17 27.08 11.46 -42.04
C LEU A 17 27.83 10.65 -41.00
N SER A 18 29.15 10.54 -41.17
CA SER A 18 29.97 9.82 -40.22
C SER A 18 31.20 10.68 -39.96
N TYR A 19 31.85 10.46 -38.82
CA TYR A 19 33.03 11.23 -38.45
C TYR A 19 33.93 10.41 -37.54
N ASN A 20 35.08 10.99 -37.22
CA ASN A 20 36.06 10.39 -36.32
C ASN A 20 36.50 11.53 -35.42
N LYS A 21 36.34 11.37 -34.10
CA LYS A 21 36.68 12.47 -33.21
C LYS A 21 38.15 12.84 -33.18
N GLU A 22 38.92 12.18 -34.02
CA GLU A 22 40.35 12.46 -34.10
C GLU A 22 40.78 13.09 -35.40
N THR A 23 40.06 12.77 -36.47
CA THR A 23 40.40 13.32 -37.78
C THR A 23 39.40 14.36 -38.29
N ALA A 24 38.40 13.91 -39.05
CA ALA A 24 37.40 14.81 -39.62
C ALA A 24 36.14 14.08 -40.04
N ILE A 25 35.37 14.73 -40.90
CA ILE A 25 34.12 14.15 -41.38
C ILE A 25 34.41 13.09 -42.44
N GLY A 26 33.68 11.98 -42.36
CA GLY A 26 33.89 10.89 -43.32
C GLY A 26 32.88 10.80 -44.44
N ASP A 27 31.84 9.99 -44.24
CA ASP A 27 30.80 9.81 -45.25
C ASP A 27 29.73 10.89 -45.19
N PHE A 28 29.01 11.07 -46.28
CA PHE A 28 27.93 12.06 -46.36
C PHE A 28 26.86 11.55 -47.32
N GLN A 29 25.61 11.60 -46.90
CA GLN A 29 24.52 11.12 -47.72
C GLN A 29 23.25 11.83 -47.25
N VAL A 30 22.41 12.26 -48.19
CA VAL A 30 21.22 12.99 -47.81
C VAL A 30 19.95 12.43 -48.44
N VAL A 31 18.86 12.47 -47.67
CA VAL A 31 17.58 12.02 -48.18
C VAL A 31 16.80 13.29 -48.35
N TYR A 32 16.66 13.72 -49.61
CA TYR A 32 15.96 14.95 -49.92
C TYR A 32 14.46 14.75 -50.09
N ASP A 33 13.76 15.86 -50.23
CA ASP A 33 12.33 15.82 -50.49
C ASP A 33 12.17 16.26 -51.93
N LEU A 34 11.46 15.47 -52.71
CA LEU A 34 11.24 15.82 -54.10
C LEU A 34 9.74 15.99 -54.30
N ASN A 35 9.29 17.23 -54.18
CA ASN A 35 7.88 17.54 -54.36
C ASN A 35 7.00 16.63 -53.52
N GLY A 36 7.27 16.58 -52.22
CA GLY A 36 6.48 15.76 -51.32
C GLY A 36 6.86 14.30 -51.17
N SER A 37 7.80 13.82 -51.97
CA SER A 37 8.22 12.44 -51.88
C SER A 37 9.67 12.34 -51.49
N PRO A 38 10.00 11.38 -50.61
CA PRO A 38 11.38 11.19 -50.18
C PRO A 38 12.22 10.78 -51.36
N TYR A 39 13.41 11.34 -51.47
CA TYR A 39 14.32 10.99 -52.55
C TYR A 39 15.65 10.68 -51.91
N VAL A 40 16.04 9.41 -51.98
CA VAL A 40 17.31 8.96 -51.39
C VAL A 40 18.51 9.36 -52.23
N GLY A 41 19.30 10.28 -51.71
CA GLY A 41 20.47 10.72 -52.43
C GLY A 41 21.57 9.65 -52.46
N GLN A 42 22.52 9.79 -53.38
CA GLN A 42 23.61 8.85 -53.51
C GLN A 42 24.49 8.96 -52.28
N ASN A 43 24.94 7.82 -51.76
CA ASN A 43 25.80 7.85 -50.59
C ASN A 43 27.25 8.07 -51.02
N HIS A 44 27.81 9.21 -50.60
CA HIS A 44 29.19 9.56 -50.91
C HIS A 44 30.06 9.08 -49.78
N LYS A 45 30.90 8.08 -50.05
CA LYS A 45 31.74 7.49 -49.02
C LYS A 45 33.23 7.79 -49.04
N SER A 46 33.82 7.73 -47.86
CA SER A 46 35.24 7.97 -47.69
C SER A 46 36.02 6.82 -48.29
N PHE A 47 37.27 7.09 -48.68
CA PHE A 47 38.11 6.05 -49.25
C PHE A 47 38.48 5.05 -48.17
N ILE A 48 38.39 5.48 -46.91
CA ILE A 48 38.72 4.59 -45.78
C ILE A 48 37.50 4.37 -44.89
N THR A 49 37.68 3.60 -43.82
CA THR A 49 36.59 3.30 -42.90
C THR A 49 36.99 3.67 -41.48
N GLY A 50 36.17 3.29 -40.50
CA GLY A 50 36.49 3.59 -39.12
C GLY A 50 35.77 4.80 -38.56
N PHE A 51 34.75 5.26 -39.27
CA PHE A 51 33.98 6.42 -38.83
C PHE A 51 32.77 6.04 -37.99
N THR A 52 32.24 7.01 -37.25
CA THR A 52 31.06 6.78 -36.44
C THR A 52 29.89 7.38 -37.20
N PRO A 53 28.90 6.56 -37.53
CA PRO A 53 27.73 7.04 -38.27
C PRO A 53 26.79 7.86 -37.39
N VAL A 54 26.11 8.83 -38.01
CA VAL A 54 25.17 9.69 -37.31
C VAL A 54 24.01 9.95 -38.26
N LYS A 55 22.79 9.78 -37.77
CA LYS A 55 21.60 10.03 -38.58
C LYS A 55 20.88 11.23 -38.01
N ILE A 56 20.56 12.18 -38.88
CA ILE A 56 19.84 13.38 -38.47
C ILE A 56 18.50 13.41 -39.19
N SER A 57 17.45 12.93 -38.53
CA SER A 57 16.11 12.90 -39.10
C SER A 57 15.38 14.17 -38.74
N LEU A 58 14.99 14.92 -39.76
CA LEU A 58 14.28 16.17 -39.54
C LEU A 58 12.79 15.95 -39.65
N ASP A 59 12.07 16.74 -38.88
CA ASP A 59 10.66 16.72 -38.84
C ASP A 59 10.12 17.47 -40.03
N PHE A 60 10.35 16.93 -41.25
CA PHE A 60 9.91 17.60 -42.46
C PHE A 60 8.38 17.57 -42.51
N PRO A 61 7.76 18.68 -42.91
CA PRO A 61 8.31 19.95 -43.35
C PRO A 61 8.33 21.05 -42.31
N SER A 62 7.93 20.76 -41.07
CA SER A 62 7.91 21.80 -40.05
C SER A 62 9.29 22.13 -39.51
N GLU A 63 10.23 21.19 -39.62
CA GLU A 63 11.58 21.44 -39.15
C GLU A 63 12.55 21.55 -40.34
N TYR A 64 13.31 22.63 -40.37
CA TYR A 64 14.27 22.87 -41.44
C TYR A 64 15.54 23.48 -40.87
N ILE A 65 16.63 23.35 -41.60
CA ILE A 65 17.93 23.87 -41.18
C ILE A 65 17.96 25.40 -41.27
N MET A 66 18.42 26.05 -40.21
CA MET A 66 18.50 27.51 -40.20
C MET A 66 19.95 27.98 -40.27
N GLU A 67 20.87 27.14 -39.81
CA GLU A 67 22.27 27.48 -39.83
C GLU A 67 23.15 26.25 -39.93
N VAL A 68 24.28 26.41 -40.61
CA VAL A 68 25.25 25.35 -40.78
C VAL A 68 26.58 25.96 -40.39
N SER A 69 27.30 25.30 -39.49
CA SER A 69 28.59 25.79 -39.06
C SER A 69 29.54 24.60 -38.91
N GLY A 70 30.82 24.89 -38.79
CA GLY A 70 31.79 23.83 -38.64
C GLY A 70 33.20 24.36 -38.67
N TYR A 71 34.15 23.45 -38.74
CA TYR A 71 35.56 23.82 -38.80
C TYR A 71 36.25 23.14 -39.97
N THR A 72 37.18 23.84 -40.60
CA THR A 72 37.97 23.29 -41.69
C THR A 72 39.36 23.32 -41.07
N GLY A 73 40.17 22.30 -41.32
CA GLY A 73 41.50 22.27 -40.76
C GLY A 73 42.46 21.38 -41.51
N ASN A 74 43.63 21.17 -40.93
CA ASN A 74 44.65 20.37 -41.56
C ASN A 74 44.75 18.97 -40.98
N VAL A 75 44.65 17.96 -41.84
CA VAL A 75 44.75 16.57 -41.41
C VAL A 75 45.64 15.83 -42.40
N SER A 76 46.80 15.37 -41.94
CA SER A 76 47.75 14.68 -42.79
C SER A 76 48.12 15.55 -43.98
N GLY A 77 48.19 16.85 -43.74
CA GLY A 77 48.56 17.76 -44.81
C GLY A 77 47.47 18.17 -45.77
N TYR A 78 46.26 17.66 -45.59
CA TYR A 78 45.14 18.02 -46.45
C TYR A 78 44.17 18.90 -45.69
N VAL A 79 43.69 19.95 -46.34
CA VAL A 79 42.72 20.83 -45.70
C VAL A 79 41.35 20.17 -45.91
N VAL A 80 40.66 19.89 -44.80
CA VAL A 80 39.37 19.23 -44.89
C VAL A 80 38.35 19.82 -43.92
N VAL A 81 37.11 19.35 -44.00
CA VAL A 81 36.06 19.80 -43.11
C VAL A 81 36.13 18.86 -41.91
N ARG A 82 36.71 19.35 -40.82
CA ARG A 82 36.89 18.55 -39.60
C ARG A 82 35.64 18.43 -38.75
N SER A 83 34.82 19.48 -38.72
CA SER A 83 33.60 19.47 -37.92
C SER A 83 32.41 20.08 -38.64
N LEU A 84 31.21 19.62 -38.27
CA LEU A 84 29.97 20.10 -38.88
C LEU A 84 28.86 20.15 -37.84
N THR A 85 28.03 21.19 -37.90
CA THR A 85 26.91 21.35 -36.98
C THR A 85 25.68 21.89 -37.72
N PHE A 86 24.54 21.25 -37.49
CA PHE A 86 23.30 21.67 -38.15
C PHE A 86 22.29 22.15 -37.13
N LYS A 87 21.95 23.43 -37.18
CA LYS A 87 20.98 23.99 -36.25
C LYS A 87 19.68 24.23 -36.99
N THR A 88 18.60 23.58 -36.54
CA THR A 88 17.30 23.78 -37.17
C THR A 88 16.46 24.71 -36.30
N ASN A 89 15.20 24.89 -36.69
CA ASN A 89 14.31 25.75 -35.93
C ASN A 89 13.77 25.00 -34.73
N LYS A 90 14.16 23.74 -34.56
CA LYS A 90 13.68 22.97 -33.42
C LYS A 90 14.79 22.41 -32.53
N LYS A 91 15.96 22.18 -33.10
CA LYS A 91 17.01 21.56 -32.35
C LYS A 91 18.38 21.83 -32.94
N THR A 92 19.44 21.45 -32.23
CA THR A 92 20.82 21.61 -32.71
C THR A 92 21.42 20.23 -32.79
N TYR A 93 21.99 19.89 -33.94
CA TYR A 93 22.60 18.58 -34.12
C TYR A 93 24.10 18.75 -34.27
N GLY A 94 24.84 18.29 -33.27
CA GLY A 94 26.27 18.41 -33.32
C GLY A 94 26.79 19.31 -32.21
N PRO A 95 28.07 19.73 -32.28
CA PRO A 95 29.03 19.40 -33.34
C PRO A 95 29.39 17.94 -33.48
N TYR A 96 29.78 17.57 -34.71
CA TYR A 96 30.21 16.22 -35.04
C TYR A 96 31.61 16.40 -35.61
N GLY A 97 32.55 15.60 -35.12
CA GLY A 97 33.92 15.70 -35.60
C GLY A 97 34.78 16.50 -34.65
N VAL A 98 35.94 16.93 -35.10
CA VAL A 98 36.86 17.69 -34.28
C VAL A 98 36.64 19.19 -34.40
N THR A 99 36.28 19.84 -33.31
CA THR A 99 36.06 21.28 -33.36
C THR A 99 37.38 22.06 -33.22
N SER A 100 38.26 21.90 -34.20
CA SER A 100 39.56 22.57 -34.21
C SER A 100 39.94 23.02 -35.63
N GLY A 101 40.53 24.21 -35.74
CA GLY A 101 40.92 24.73 -37.05
C GLY A 101 40.30 26.13 -37.23
N THR A 102 39.88 26.50 -38.43
CA THR A 102 39.26 27.79 -38.62
C THR A 102 37.79 27.55 -38.81
N PRO A 103 36.94 28.27 -38.05
CA PRO A 103 35.48 28.17 -38.08
C PRO A 103 34.82 28.86 -39.27
N PHE A 104 33.62 28.41 -39.60
CA PHE A 104 32.82 28.99 -40.65
C PHE A 104 31.36 28.73 -40.24
N ASN A 105 30.48 29.66 -40.58
CA ASN A 105 29.06 29.45 -40.27
C ASN A 105 28.17 30.15 -41.30
N LEU A 106 27.07 29.49 -41.63
CA LEU A 106 26.12 30.03 -42.59
C LEU A 106 24.73 30.10 -42.00
N PRO A 107 24.35 31.28 -41.51
CA PRO A 107 23.02 31.49 -40.93
C PRO A 107 22.12 31.90 -42.09
N ILE A 108 20.86 31.49 -42.07
CA ILE A 108 19.95 31.85 -43.14
C ILE A 108 18.71 32.61 -42.63
N GLU A 109 18.61 33.89 -42.93
CA GLU A 109 17.44 34.66 -42.50
C GLU A 109 16.22 34.25 -43.33
N ASN A 110 16.40 34.19 -44.65
CA ASN A 110 15.32 33.84 -45.56
C ASN A 110 15.82 32.90 -46.63
N GLY A 111 15.23 31.72 -46.71
CA GLY A 111 15.65 30.75 -47.70
C GLY A 111 15.82 29.35 -47.15
N LEU A 112 16.09 28.40 -48.03
CA LEU A 112 16.28 27.01 -47.62
C LEU A 112 17.47 26.35 -48.30
N ILE A 113 18.05 25.37 -47.63
CA ILE A 113 19.15 24.64 -48.21
C ILE A 113 18.41 23.55 -48.96
N VAL A 114 18.65 23.45 -50.28
CA VAL A 114 17.97 22.45 -51.08
C VAL A 114 18.90 21.45 -51.77
N GLY A 115 20.20 21.53 -51.48
CA GLY A 115 21.12 20.61 -52.12
C GLY A 115 22.55 20.76 -51.65
N PHE A 116 23.31 19.68 -51.78
CA PHE A 116 24.71 19.67 -51.38
C PHE A 116 25.59 19.18 -52.52
N LYS A 117 26.84 19.62 -52.49
CA LYS A 117 27.84 19.21 -53.48
C LYS A 117 29.17 19.35 -52.77
N GLY A 118 30.14 18.56 -53.17
CA GLY A 118 31.43 18.66 -52.51
C GLY A 118 32.41 17.62 -53.01
N SER A 119 33.32 17.21 -52.14
CA SER A 119 34.31 16.22 -52.49
C SER A 119 34.72 15.41 -51.28
N ILE A 120 34.99 14.13 -51.50
CA ILE A 120 35.39 13.23 -50.42
C ILE A 120 36.49 12.26 -50.83
N GLY A 121 37.59 12.30 -50.09
CA GLY A 121 38.70 11.40 -50.32
C GLY A 121 38.70 10.58 -49.05
N TYR A 122 39.70 10.76 -48.20
CA TYR A 122 39.73 10.07 -46.93
C TYR A 122 38.70 10.80 -46.07
N TRP A 123 38.60 12.10 -46.30
CA TRP A 123 37.68 12.95 -45.57
C TRP A 123 36.95 13.90 -46.51
N LEU A 124 35.95 14.60 -45.97
CA LEU A 124 35.19 15.56 -46.73
C LEU A 124 36.15 16.73 -47.01
N ASP A 125 36.58 16.84 -48.26
CA ASP A 125 37.52 17.90 -48.65
C ASP A 125 36.91 19.28 -48.58
N TYR A 126 35.70 19.41 -49.11
CA TYR A 126 35.00 20.68 -49.11
C TYR A 126 33.57 20.43 -49.52
N PHE A 127 32.72 21.44 -49.33
CA PHE A 127 31.32 21.31 -49.72
C PHE A 127 30.70 22.68 -49.96
N SER A 128 29.63 22.69 -50.74
CA SER A 128 28.91 23.91 -51.05
C SER A 128 27.43 23.57 -50.93
N MET A 129 26.58 24.59 -50.82
CA MET A 129 25.16 24.34 -50.68
C MET A 129 24.31 25.14 -51.64
N TYR A 130 23.18 24.54 -52.03
CA TYR A 130 22.22 25.18 -52.92
C TYR A 130 21.18 25.89 -52.06
N LEU A 131 20.95 27.17 -52.32
CA LEU A 131 19.97 27.94 -51.58
C LEU A 131 18.79 28.30 -52.49
N SER A 132 17.60 28.33 -51.93
CA SER A 132 16.40 28.63 -52.69
C SER A 132 15.30 29.24 -51.82
N LEU A 133 14.32 29.87 -52.45
CA LEU A 133 13.21 30.41 -51.69
C LEU A 133 12.18 29.31 -51.66
N SER B 4 20.85 27.78 -71.98
CA SER B 4 20.65 26.29 -72.03
C SER B 4 19.36 25.92 -71.32
N GLY B 5 19.04 24.62 -71.33
CA GLY B 5 17.81 24.16 -70.71
C GLY B 5 17.90 23.55 -69.32
N LYS B 6 18.97 23.87 -68.60
CA LYS B 6 19.15 23.37 -67.24
C LYS B 6 18.82 24.48 -66.25
N SER B 7 17.94 24.20 -65.31
CA SER B 7 17.56 25.19 -64.31
C SER B 7 18.70 25.45 -63.33
N GLN B 8 18.93 26.71 -62.99
CA GLN B 8 20.01 26.98 -62.04
C GLN B 8 19.47 27.56 -60.74
N THR B 9 20.30 27.54 -59.71
CA THR B 9 19.93 28.05 -58.40
C THR B 9 21.18 28.61 -57.71
N VAL B 10 20.97 29.40 -56.66
CA VAL B 10 22.09 30.00 -55.92
C VAL B 10 22.91 28.91 -55.23
N ILE B 11 24.24 29.08 -55.23
CA ILE B 11 25.11 28.12 -54.56
C ILE B 11 26.18 28.86 -53.78
N VAL B 12 26.27 28.56 -52.49
CA VAL B 12 27.28 29.18 -51.65
C VAL B 12 28.32 28.14 -51.24
N GLY B 13 29.55 28.61 -51.15
CA GLY B 13 30.66 27.74 -50.78
C GLY B 13 31.77 27.89 -51.79
N PRO B 14 32.76 26.98 -51.80
CA PRO B 14 32.87 25.84 -50.89
C PRO B 14 33.57 26.21 -49.59
N TRP B 15 33.49 25.29 -48.64
CA TRP B 15 34.15 25.47 -47.36
C TRP B 15 35.05 24.25 -47.25
N GLY B 16 36.31 24.49 -46.90
CA GLY B 16 37.26 23.40 -46.77
C GLY B 16 38.38 23.55 -47.78
N ALA B 17 38.86 22.42 -48.30
CA ALA B 17 39.92 22.43 -49.28
C ALA B 17 39.58 23.38 -50.43
N LYS B 18 40.50 24.27 -50.75
CA LYS B 18 40.28 25.21 -51.84
C LYS B 18 40.75 24.59 -53.15
N GLY C 1 22.72 49.38 -31.63
CA GLY C 1 22.98 50.42 -32.69
C GLY C 1 21.72 50.63 -33.52
N LYS C 2 21.76 51.51 -34.51
CA LYS C 2 20.59 51.72 -35.31
C LYS C 2 20.61 50.80 -36.51
N ALA C 3 19.53 50.05 -36.69
CA ALA C 3 19.41 49.12 -37.78
C ALA C 3 19.12 49.76 -39.11
N PHE C 4 19.54 49.08 -40.17
CA PHE C 4 19.29 49.54 -41.53
C PHE C 4 19.02 48.34 -42.43
N ASP C 5 18.34 48.60 -43.53
CA ASP C 5 18.01 47.55 -44.47
C ASP C 5 17.88 48.21 -45.82
N ASP C 6 18.91 48.11 -46.67
CA ASP C 6 18.85 48.73 -47.98
C ASP C 6 17.90 48.05 -48.96
N GLY C 7 17.58 46.79 -48.71
CA GLY C 7 16.69 46.11 -49.62
C GLY C 7 17.52 45.48 -50.73
N ALA C 8 16.87 45.02 -51.79
CA ALA C 8 17.58 44.38 -52.87
C ALA C 8 17.62 45.20 -54.15
N PHE C 9 18.68 45.01 -54.92
CA PHE C 9 18.86 45.72 -56.19
C PHE C 9 19.36 44.80 -57.30
N THR C 10 19.77 45.42 -58.41
CA THR C 10 20.26 44.68 -59.57
C THR C 10 21.71 44.27 -59.42
N GLY C 11 22.44 45.00 -58.60
CA GLY C 11 23.85 44.70 -58.38
C GLY C 11 24.58 45.74 -57.55
N ILE C 12 25.88 45.60 -57.46
CA ILE C 12 26.68 46.52 -56.67
C ILE C 12 27.72 47.21 -57.52
N ARG C 13 27.79 48.53 -57.39
CA ARG C 13 28.73 49.32 -58.16
C ARG C 13 29.91 49.82 -57.33
N GLU C 14 29.62 50.30 -56.12
CA GLU C 14 30.65 50.86 -55.25
C GLU C 14 30.29 50.67 -53.78
N ILE C 15 31.31 50.51 -52.95
CA ILE C 15 31.11 50.34 -51.51
C ILE C 15 31.98 51.34 -50.75
N ASN C 16 31.37 52.07 -49.83
CA ASN C 16 32.12 53.05 -49.04
C ASN C 16 32.01 52.74 -47.57
N LEU C 17 33.10 52.30 -46.97
CA LEU C 17 33.10 51.99 -45.55
C LEU C 17 34.28 52.65 -44.86
N SER C 18 34.25 52.69 -43.54
CA SER C 18 35.35 53.27 -42.78
C SER C 18 35.67 52.30 -41.65
N TYR C 19 36.88 52.40 -41.09
CA TYR C 19 37.29 51.52 -40.02
C TYR C 19 38.36 52.20 -39.18
N ASN C 20 38.74 51.53 -38.09
CA ASN C 20 39.77 51.98 -37.19
C ASN C 20 40.61 50.74 -36.92
N LYS C 21 41.91 50.80 -37.18
CA LYS C 21 42.74 49.62 -36.99
C LYS C 21 42.86 49.10 -35.57
N GLU C 22 42.21 49.79 -34.63
CA GLU C 22 42.24 49.37 -33.23
C GLU C 22 40.91 48.83 -32.73
N THR C 23 39.81 49.31 -33.32
CA THR C 23 38.49 48.87 -32.89
C THR C 23 37.79 47.95 -33.87
N ALA C 24 37.01 48.53 -34.78
CA ALA C 24 36.28 47.73 -35.76
C ALA C 24 35.79 48.56 -36.94
N ILE C 25 34.78 48.05 -37.65
CA ILE C 25 34.23 48.76 -38.81
C ILE C 25 33.29 49.88 -38.35
N GLY C 26 33.37 51.02 -39.01
CA GLY C 26 32.55 52.15 -38.64
C GLY C 26 31.35 52.41 -39.53
N ASP C 27 31.53 53.28 -40.52
CA ASP C 27 30.45 53.63 -41.44
C ASP C 27 30.33 52.63 -42.57
N PHE C 28 29.16 52.57 -43.18
CA PHE C 28 28.88 51.66 -44.30
C PHE C 28 27.87 52.33 -45.23
N GLN C 29 28.15 52.32 -46.52
CA GLN C 29 27.27 52.93 -47.50
C GLN C 29 27.55 52.26 -48.85
N VAL C 30 26.50 51.98 -49.60
CA VAL C 30 26.68 51.31 -50.87
C VAL C 30 25.98 52.01 -52.03
N VAL C 31 26.62 51.98 -53.19
CA VAL C 31 26.04 52.55 -54.39
C VAL C 31 25.68 51.33 -55.22
N TYR C 32 24.39 51.03 -55.25
CA TYR C 32 23.90 49.88 -55.99
C TYR C 32 23.61 50.21 -57.45
N ASP C 33 23.33 49.16 -58.22
CA ASP C 33 22.95 49.32 -59.61
C ASP C 33 21.47 48.98 -59.64
N LEU C 34 20.69 49.87 -60.21
CA LEU C 34 19.26 49.66 -60.31
C LEU C 34 18.89 49.62 -61.78
N ASN C 35 18.87 48.42 -62.33
CA ASN C 35 18.53 48.22 -63.73
C ASN C 35 19.35 49.12 -64.64
N GLY C 36 20.67 49.04 -64.51
CA GLY C 36 21.56 49.84 -65.34
C GLY C 36 21.87 51.26 -64.88
N SER C 37 21.20 51.72 -63.84
CA SER C 37 21.47 53.07 -63.35
C SER C 37 21.99 53.04 -61.93
N PRO C 38 22.98 53.89 -61.64
CA PRO C 38 23.55 53.94 -60.29
C PRO C 38 22.50 54.39 -59.31
N TYR C 39 22.44 53.74 -58.15
CA TYR C 39 21.48 54.13 -57.13
C TYR C 39 22.28 54.32 -55.85
N VAL C 40 22.35 55.55 -55.38
CA VAL C 40 23.09 55.86 -54.18
C VAL C 40 22.35 55.46 -52.91
N GLY C 41 22.87 54.46 -52.23
CA GLY C 41 22.24 53.99 -51.00
C GLY C 41 22.41 54.98 -49.87
N GLN C 42 21.58 54.83 -48.83
CA GLN C 42 21.65 55.72 -47.69
C GLN C 42 22.96 55.44 -46.95
N ASN C 43 23.60 56.50 -46.47
CA ASN C 43 24.86 56.33 -45.75
C ASN C 43 24.56 56.04 -44.28
N HIS C 44 24.93 54.84 -43.83
CA HIS C 44 24.70 54.43 -42.45
C HIS C 44 25.96 54.77 -41.69
N LYS C 45 25.86 55.70 -40.75
CA LYS C 45 27.02 56.14 -40.00
C LYS C 45 27.11 55.73 -38.54
N SER C 46 28.35 55.67 -38.05
CA SER C 46 28.64 55.32 -36.67
C SER C 46 28.23 56.46 -35.75
N PHE C 47 27.92 56.14 -34.51
CA PHE C 47 27.53 57.14 -33.54
C PHE C 47 28.71 58.04 -33.21
N ILE C 48 29.91 57.54 -33.49
CA ILE C 48 31.13 58.29 -33.23
C ILE C 48 31.94 58.54 -34.51
N THR C 49 33.05 59.22 -34.39
CA THR C 49 33.90 59.51 -35.54
C THR C 49 35.31 59.00 -35.32
N GLY C 50 36.24 59.37 -36.19
CA GLY C 50 37.62 58.93 -36.04
C GLY C 50 38.01 57.75 -36.90
N PHE C 51 37.17 57.40 -37.86
CA PHE C 51 37.42 56.27 -38.74
C PHE C 51 38.16 56.66 -40.00
N THR C 52 38.75 55.66 -40.65
CA THR C 52 39.46 55.89 -41.90
C THR C 52 38.55 55.45 -43.02
N PRO C 53 38.20 56.37 -43.93
CA PRO C 53 37.32 56.03 -45.04
C PRO C 53 38.01 55.19 -46.11
N VAL C 54 37.24 54.33 -46.76
CA VAL C 54 37.75 53.48 -47.83
C VAL C 54 36.69 53.38 -48.90
N LYS C 55 37.08 53.61 -50.15
CA LYS C 55 36.14 53.52 -51.27
C LYS C 55 36.53 52.34 -52.14
N ILE C 56 35.56 51.46 -52.39
CA ILE C 56 35.78 50.29 -53.22
C ILE C 56 34.93 50.43 -54.49
N SER C 57 35.55 50.91 -55.56
CA SER C 57 34.85 51.07 -56.83
C SER C 57 35.02 49.80 -57.66
N LEU C 58 33.92 49.17 -58.01
CA LEU C 58 33.97 47.95 -58.78
C LEU C 58 33.74 48.29 -60.25
N ASP C 59 34.35 47.49 -61.10
CA ASP C 59 34.23 47.66 -62.55
C ASP C 59 32.93 47.02 -62.96
N PHE C 60 31.82 47.63 -62.59
CA PHE C 60 30.51 47.09 -62.94
C PHE C 60 30.33 47.22 -64.43
N PRO C 61 29.76 46.19 -65.08
CA PRO C 61 29.29 44.90 -64.55
C PRO C 61 30.23 43.72 -64.73
N SER C 62 31.44 43.97 -65.22
CA SER C 62 32.36 42.85 -65.41
C SER C 62 33.00 42.38 -64.11
N GLU C 63 33.05 43.26 -63.11
CA GLU C 63 33.63 42.89 -61.83
C GLU C 63 32.55 42.81 -60.75
N TYR C 64 32.49 41.67 -60.08
CA TYR C 64 31.51 41.46 -59.02
C TYR C 64 32.14 40.73 -57.85
N ILE C 65 31.52 40.84 -56.68
CA ILE C 65 32.02 40.20 -55.47
C ILE C 65 31.79 38.69 -55.49
N MET C 66 32.85 37.92 -55.22
CA MET C 66 32.75 36.46 -55.22
C MET C 66 32.76 35.89 -53.80
N GLU C 67 33.43 36.61 -52.90
CA GLU C 67 33.52 36.18 -51.52
C GLU C 67 33.62 37.37 -50.54
N VAL C 68 33.02 37.20 -49.39
CA VAL C 68 33.05 38.21 -48.34
C VAL C 68 33.50 37.48 -47.10
N SER C 69 34.52 38.01 -46.44
CA SER C 69 35.02 37.38 -45.23
C SER C 69 35.36 38.48 -44.23
N GLY C 70 35.58 38.09 -42.98
CA GLY C 70 35.92 39.06 -41.97
C GLY C 70 35.95 38.46 -40.58
N TYR C 71 36.07 39.31 -39.57
CA TYR C 71 36.11 38.85 -38.21
C TYR C 71 35.09 39.57 -37.35
N THR C 72 34.48 38.82 -36.43
CA THR C 72 33.52 39.39 -35.50
C THR C 72 34.24 39.25 -34.17
N GLY C 73 34.15 40.24 -33.31
CA GLY C 73 34.84 40.16 -32.03
C GLY C 73 34.25 41.02 -30.95
N ASN C 74 34.96 41.11 -29.83
CA ASN C 74 34.52 41.87 -28.68
C ASN C 74 35.24 43.21 -28.56
N VAL C 75 34.47 44.30 -28.51
CA VAL C 75 35.02 45.64 -28.37
C VAL C 75 34.17 46.38 -27.35
N SER C 76 34.79 46.74 -26.21
CA SER C 76 34.10 47.43 -25.12
C SER C 76 32.90 46.61 -24.69
N GLY C 77 33.04 45.30 -24.76
CA GLY C 77 31.95 44.44 -24.33
C GLY C 77 30.85 44.19 -25.35
N TYR C 78 30.94 44.78 -26.53
CA TYR C 78 29.93 44.58 -27.56
C TYR C 78 30.50 43.70 -28.65
N VAL C 79 29.71 42.75 -29.13
CA VAL C 79 30.17 41.90 -30.22
C VAL C 79 29.90 42.66 -31.52
N VAL C 80 30.94 42.88 -32.31
CA VAL C 80 30.79 43.63 -33.55
C VAL C 80 31.62 43.02 -34.66
N VAL C 81 31.46 43.57 -35.86
CA VAL C 81 32.22 43.12 -37.01
C VAL C 81 33.49 43.94 -36.97
N ARG C 82 34.60 43.30 -36.59
CA ARG C 82 35.87 44.00 -36.49
C ARG C 82 36.62 44.15 -37.80
N SER C 83 36.46 43.19 -38.69
CA SER C 83 37.14 43.24 -39.98
C SER C 83 36.26 42.80 -41.14
N LEU C 84 36.56 43.31 -42.32
CA LEU C 84 35.81 42.96 -43.51
C LEU C 84 36.74 42.90 -44.73
N THR C 85 36.50 41.93 -45.60
CA THR C 85 37.29 41.74 -46.82
C THR C 85 36.38 41.36 -48.01
N PHE C 86 36.53 42.08 -49.12
CA PHE C 86 35.76 41.79 -50.32
C PHE C 86 36.65 41.31 -51.44
N LYS C 87 36.43 40.06 -51.85
CA LYS C 87 37.21 39.48 -52.94
C LYS C 87 36.33 39.40 -54.19
N THR C 88 36.72 40.09 -55.26
CA THR C 88 35.96 40.04 -56.50
C THR C 88 36.67 39.10 -57.47
N ASN C 89 36.15 39.04 -58.70
CA ASN C 89 36.74 38.18 -59.72
C ASN C 89 37.95 38.88 -60.32
N LYS C 90 38.24 40.08 -59.88
CA LYS C 90 39.40 40.79 -60.41
C LYS C 90 40.46 41.17 -59.35
N LYS C 91 40.01 41.47 -58.13
CA LYS C 91 40.90 41.91 -57.08
C LYS C 91 40.38 41.54 -55.70
N THR C 92 41.21 41.76 -54.68
CA THR C 92 40.86 41.54 -53.28
C THR C 92 40.98 42.88 -52.60
N TYR C 93 39.92 43.30 -51.93
CA TYR C 93 39.92 44.58 -51.24
C TYR C 93 39.91 44.34 -49.75
N GLY C 94 41.03 44.68 -49.11
CA GLY C 94 41.12 44.48 -47.67
C GLY C 94 42.20 43.48 -47.31
N PRO C 95 42.21 42.97 -46.07
CA PRO C 95 41.25 43.27 -44.99
C PRO C 95 41.24 44.71 -44.50
N TYR C 96 40.09 45.14 -44.00
CA TYR C 96 39.92 46.48 -43.44
C TYR C 96 39.48 46.24 -42.01
N GLY C 97 40.11 46.94 -41.07
CA GLY C 97 39.75 46.76 -39.67
C GLY C 97 40.73 45.86 -38.96
N VAL C 98 40.33 45.35 -37.80
CA VAL C 98 41.19 44.48 -37.01
C VAL C 98 40.94 43.00 -37.29
N THR C 99 41.95 42.29 -37.79
CA THR C 99 41.76 40.88 -38.10
C THR C 99 41.93 40.01 -36.86
N SER C 100 41.08 40.20 -35.87
CA SER C 100 41.16 39.44 -34.62
C SER C 100 39.76 39.09 -34.11
N GLY C 101 39.59 37.85 -33.64
CA GLY C 101 38.29 37.41 -33.14
C GLY C 101 37.93 36.09 -33.80
N THR C 102 36.64 35.86 -34.10
CA THR C 102 36.27 34.62 -34.79
C THR C 102 35.98 34.99 -36.23
N PRO C 103 36.57 34.23 -37.16
CA PRO C 103 36.42 34.43 -38.60
C PRO C 103 35.12 33.89 -39.19
N PHE C 104 34.72 34.48 -40.31
CA PHE C 104 33.55 34.04 -41.06
C PHE C 104 33.84 34.34 -42.52
N ASN C 105 33.32 33.51 -43.43
CA ASN C 105 33.49 33.78 -44.84
C ASN C 105 32.31 33.24 -45.66
N LEU C 106 31.96 33.98 -46.71
CA LEU C 106 30.87 33.62 -47.58
C LEU C 106 31.34 33.58 -49.01
N PRO C 107 31.67 32.40 -49.51
CA PRO C 107 32.12 32.25 -50.88
C PRO C 107 30.85 31.97 -51.70
N ILE C 108 30.80 32.48 -52.93
CA ILE C 108 29.61 32.28 -53.75
C ILE C 108 29.94 31.58 -55.07
N GLU C 109 29.49 30.33 -55.22
CA GLU C 109 29.74 29.61 -56.48
C GLU C 109 28.84 30.16 -57.56
N ASN C 110 27.56 30.30 -57.24
CA ASN C 110 26.61 30.80 -58.21
C ASN C 110 25.67 31.78 -57.53
N GLY C 111 25.62 33.01 -58.05
CA GLY C 111 24.75 34.03 -57.48
C GLY C 111 25.43 35.36 -57.26
N LEU C 112 24.66 36.37 -56.86
CA LEU C 112 25.22 37.69 -56.63
C LEU C 112 24.71 38.30 -55.35
N ILE C 113 25.52 39.19 -54.78
CA ILE C 113 25.10 39.89 -53.58
C ILE C 113 24.37 41.11 -54.14
N VAL C 114 23.10 41.27 -53.79
CA VAL C 114 22.33 42.38 -54.31
C VAL C 114 21.82 43.36 -53.27
N GLY C 115 22.23 43.17 -52.02
CA GLY C 115 21.79 44.07 -50.97
C GLY C 115 22.36 43.78 -49.61
N PHE C 116 22.42 44.82 -48.79
CA PHE C 116 22.94 44.71 -47.43
C PHE C 116 21.94 45.22 -46.41
N LYS C 117 22.03 44.69 -45.21
CA LYS C 117 21.19 45.10 -44.10
C LYS C 117 22.02 44.83 -42.85
N GLY C 118 21.82 45.61 -41.81
CA GLY C 118 22.58 45.38 -40.60
C GLY C 118 22.25 46.37 -39.52
N SER C 119 23.24 46.65 -38.67
CA SER C 119 23.06 47.59 -37.58
C SER C 119 24.37 48.27 -37.25
N ILE C 120 24.29 49.55 -36.88
CA ILE C 120 25.49 50.29 -36.56
C ILE C 120 25.29 51.21 -35.37
N GLY C 121 26.12 51.03 -34.36
CA GLY C 121 26.08 51.87 -33.18
C GLY C 121 27.42 52.57 -33.27
N TYR C 122 28.32 52.26 -32.36
CA TYR C 122 29.65 52.85 -32.42
C TYR C 122 30.33 52.13 -33.56
N TRP C 123 29.98 50.87 -33.73
CA TRP C 123 30.55 50.03 -34.76
C TRP C 123 29.47 49.21 -35.43
N LEU C 124 29.86 48.52 -36.50
CA LEU C 124 28.93 47.69 -37.24
C LEU C 124 28.64 46.50 -36.34
N ASP C 125 27.44 46.46 -35.78
CA ASP C 125 27.04 45.38 -34.88
C ASP C 125 26.95 44.03 -35.58
N TYR C 126 26.30 44.01 -36.74
CA TYR C 126 26.12 42.80 -37.51
C TYR C 126 25.60 43.18 -38.87
N PHE C 127 25.58 42.23 -39.79
CA PHE C 127 25.08 42.49 -41.12
C PHE C 127 24.68 41.19 -41.79
N SER C 128 23.80 41.31 -42.78
CA SER C 128 23.30 40.18 -43.57
C SER C 128 23.33 40.61 -45.02
N MET C 129 23.28 39.66 -45.94
CA MET C 129 23.30 39.99 -47.36
C MET C 129 22.20 39.33 -48.19
N TYR C 130 21.71 40.05 -49.19
CA TYR C 130 20.70 39.52 -50.09
C TYR C 130 21.40 38.82 -51.23
N LEU C 131 20.97 37.62 -51.54
CA LEU C 131 21.56 36.84 -52.63
C LEU C 131 20.51 36.65 -53.73
N SER C 132 20.98 36.66 -54.98
CA SER C 132 20.10 36.49 -56.12
C SER C 132 20.81 35.96 -57.36
N LEU C 133 20.05 35.37 -58.27
CA LEU C 133 20.63 34.88 -59.50
C LEU C 133 20.69 36.07 -60.45
N SER D 4 1.41 38.35 -49.93
CA SER D 4 1.47 39.84 -50.05
C SER D 4 2.12 40.25 -51.37
N GLY D 5 2.17 41.56 -51.61
CA GLY D 5 2.74 42.04 -52.86
C GLY D 5 4.18 42.52 -52.85
N LYS D 6 4.95 42.10 -51.86
CA LYS D 6 6.35 42.49 -51.77
C LYS D 6 7.19 41.32 -52.26
N SER D 7 8.08 41.60 -53.20
CA SER D 7 8.96 40.57 -53.74
C SER D 7 9.99 40.18 -52.69
N GLN D 8 10.27 38.89 -52.56
CA GLN D 8 11.27 38.46 -51.60
C GLN D 8 12.46 37.83 -52.30
N THR D 9 13.55 37.71 -51.56
CA THR D 9 14.80 37.14 -52.08
C THR D 9 15.56 36.45 -50.93
N VAL D 10 16.50 35.58 -51.27
CA VAL D 10 17.28 34.88 -50.24
C VAL D 10 18.13 35.85 -49.42
N ILE D 11 18.24 35.58 -48.12
CA ILE D 11 19.05 36.41 -47.25
C ILE D 11 19.87 35.54 -46.31
N VAL D 12 21.19 35.73 -46.32
CA VAL D 12 22.08 34.99 -45.44
C VAL D 12 22.64 35.92 -44.39
N GLY D 13 22.82 35.39 -43.18
CA GLY D 13 23.33 36.17 -42.07
C GLY D 13 22.40 36.01 -40.89
N PRO D 14 22.56 36.82 -39.83
CA PRO D 14 23.56 37.89 -39.73
C PRO D 14 24.86 37.37 -39.18
N TRP D 15 25.89 38.20 -39.30
CA TRP D 15 27.20 37.90 -38.75
C TRP D 15 27.50 39.06 -37.80
N GLY D 16 27.88 38.72 -36.57
CA GLY D 16 28.17 39.75 -35.59
C GLY D 16 27.31 39.57 -34.36
N ALA D 17 27.01 40.66 -33.67
CA ALA D 17 26.18 40.62 -32.46
C ALA D 17 24.94 39.73 -32.64
N LYS D 18 24.66 38.92 -31.63
CA LYS D 18 23.51 38.02 -31.68
C LYS D 18 22.20 38.82 -31.65
N GLY E 1 -24.06 -33.40 23.15
CA GLY E 1 -24.55 -32.01 22.97
C GLY E 1 -23.42 -31.02 23.16
N LYS E 2 -23.68 -29.74 22.98
CA LYS E 2 -22.64 -28.75 23.15
C LYS E 2 -22.59 -28.29 24.60
N ALA E 3 -21.41 -28.39 25.21
CA ALA E 3 -21.24 -27.99 26.59
C ALA E 3 -21.14 -26.48 26.77
N PHE E 4 -21.56 -26.03 27.96
CA PHE E 4 -21.49 -24.62 28.30
C PHE E 4 -21.16 -24.49 29.77
N ASP E 5 -20.56 -23.36 30.12
CA ASP E 5 -20.18 -23.09 31.50
C ASP E 5 -20.23 -21.59 31.71
N ASP E 6 -21.30 -21.09 32.31
CA ASP E 6 -21.42 -19.66 32.51
C ASP E 6 -20.45 -19.09 33.53
N GLY E 7 -19.98 -19.93 34.44
CA GLY E 7 -19.08 -19.45 35.48
C GLY E 7 -19.87 -18.97 36.68
N ALA E 8 -19.25 -18.22 37.57
CA ALA E 8 -19.94 -17.75 38.76
C ALA E 8 -20.19 -16.26 38.80
N PHE E 9 -21.29 -15.86 39.43
CA PHE E 9 -21.65 -14.45 39.56
C PHE E 9 -22.12 -14.10 40.96
N THR E 10 -22.67 -12.90 41.09
CA THR E 10 -23.13 -12.41 42.37
C THR E 10 -24.50 -12.97 42.74
N GLY E 11 -25.29 -13.32 41.71
CA GLY E 11 -26.61 -13.85 41.96
C GLY E 11 -27.38 -14.07 40.68
N ILE E 12 -28.66 -14.41 40.83
CA ILE E 12 -29.52 -14.68 39.69
C ILE E 12 -30.70 -13.73 39.65
N ARG E 13 -30.93 -13.14 38.49
CA ARG E 13 -32.02 -12.20 38.30
C ARG E 13 -33.18 -12.78 37.50
N GLU E 14 -32.84 -13.47 36.42
CA GLU E 14 -33.86 -14.04 35.53
C GLU E 14 -33.39 -15.31 34.83
N ILE E 15 -34.31 -16.24 34.60
CA ILE E 15 -33.99 -17.49 33.93
C ILE E 15 -34.94 -17.70 32.76
N ASN E 16 -34.37 -17.98 31.60
CA ASN E 16 -35.16 -18.19 30.39
C ASN E 16 -34.91 -19.57 29.81
N LEU E 17 -35.89 -20.46 29.94
CA LEU E 17 -35.74 -21.81 29.42
C LEU E 17 -36.95 -22.17 28.56
N SER E 18 -36.84 -23.25 27.79
CA SER E 18 -37.94 -23.72 26.97
C SER E 18 -38.04 -25.23 27.17
N TYR E 19 -39.22 -25.78 26.87
CA TYR E 19 -39.42 -27.22 27.01
C TYR E 19 -40.51 -27.70 26.06
N ASN E 20 -40.66 -29.01 26.05
CA ASN E 20 -41.68 -29.62 25.27
C ASN E 20 -42.36 -30.65 26.19
N LYS E 21 -43.71 -30.56 26.35
CA LYS E 21 -44.31 -31.48 27.34
C LYS E 21 -44.28 -32.97 27.02
N GLU E 22 -43.64 -33.30 25.89
CA GLU E 22 -43.52 -34.67 25.47
C GLU E 22 -42.09 -35.20 25.50
N THR E 23 -41.13 -34.30 25.37
CA THR E 23 -39.75 -34.69 25.41
C THR E 23 -39.03 -34.26 26.66
N ALA E 24 -38.36 -33.12 26.62
CA ALA E 24 -37.61 -32.65 27.79
C ALA E 24 -37.31 -31.16 27.71
N ILE E 25 -36.32 -30.71 28.46
CA ILE E 25 -35.93 -29.30 28.48
C ILE E 25 -35.12 -28.93 27.24
N GLY E 26 -35.43 -27.78 26.65
CA GLY E 26 -34.73 -27.37 25.45
C GLY E 26 -33.64 -26.34 25.64
N ASP E 27 -33.99 -25.06 25.47
CA ASP E 27 -33.01 -23.99 25.61
C ASP E 27 -32.84 -23.58 27.07
N PHE E 28 -31.72 -22.91 27.36
CA PHE E 28 -31.41 -22.44 28.70
C PHE E 28 -30.55 -21.19 28.62
N GLN E 29 -30.94 -20.14 29.33
CA GLN E 29 -30.22 -18.89 29.33
C GLN E 29 -30.52 -18.16 30.63
N VAL E 30 -29.50 -17.56 31.23
CA VAL E 30 -29.69 -16.89 32.49
C VAL E 30 -29.21 -15.44 32.50
N VAL E 31 -29.91 -14.59 33.24
CA VAL E 31 -29.51 -13.21 33.37
C VAL E 31 -29.04 -13.12 34.82
N TYR E 32 -27.73 -13.10 35.01
CA TYR E 32 -27.16 -13.05 36.33
C TYR E 32 -27.01 -11.62 36.86
N ASP E 33 -26.63 -11.53 38.13
CA ASP E 33 -26.39 -10.24 38.73
C ASP E 33 -24.89 -10.20 38.92
N LEU E 34 -24.28 -9.11 38.45
CA LEU E 34 -22.84 -8.96 38.59
C LEU E 34 -22.58 -7.71 39.42
N ASN E 35 -22.46 -7.91 40.72
CA ASN E 35 -22.19 -6.81 41.63
C ASN E 35 -23.21 -5.67 41.45
N GLY E 36 -24.50 -6.02 41.51
CA GLY E 36 -25.55 -5.03 41.38
C GLY E 36 -25.99 -4.70 39.98
N SER E 37 -25.30 -5.19 38.97
CA SER E 37 -25.69 -4.90 37.59
C SER E 37 -26.10 -6.15 36.86
N PRO E 38 -27.17 -6.06 36.06
CA PRO E 38 -27.64 -7.22 35.31
C PRO E 38 -26.57 -7.67 34.33
N TYR E 39 -26.37 -8.98 34.21
CA TYR E 39 -25.39 -9.49 33.26
C TYR E 39 -26.10 -10.56 32.46
N VAL E 40 -26.29 -10.29 31.17
CA VAL E 40 -26.98 -11.22 30.30
C VAL E 40 -26.11 -12.38 29.88
N GLY E 41 -26.41 -13.57 30.40
CA GLY E 41 -25.66 -14.75 30.05
C GLY E 41 -25.86 -15.19 28.61
N GLN E 42 -24.95 -16.00 28.10
CA GLN E 42 -25.06 -16.48 26.73
C GLN E 42 -26.26 -17.40 26.64
N ASN E 43 -27.00 -17.32 25.54
CA ASN E 43 -28.16 -18.19 25.37
C ASN E 43 -27.72 -19.54 24.78
N HIS E 44 -27.88 -20.59 25.56
CA HIS E 44 -27.51 -21.94 25.13
C HIS E 44 -28.74 -22.57 24.50
N LYS E 45 -28.68 -22.80 23.19
CA LYS E 45 -29.83 -23.35 22.49
C LYS E 45 -29.77 -24.80 22.03
N SER E 46 -30.95 -25.38 21.89
CA SER E 46 -31.10 -26.76 21.44
C SER E 46 -30.74 -26.84 19.96
N PHE E 47 -30.35 -28.02 19.52
CA PHE E 47 -29.99 -28.23 18.12
C PHE E 47 -31.26 -28.16 17.27
N ILE E 48 -32.41 -28.39 17.92
CA ILE E 48 -33.70 -28.35 17.25
C ILE E 48 -34.61 -27.27 17.81
N THR E 49 -35.81 -27.17 17.24
CA THR E 49 -36.78 -26.17 17.68
C THR E 49 -38.10 -26.81 18.07
N GLY E 50 -39.11 -25.98 18.32
CA GLY E 50 -40.41 -26.51 18.70
C GLY E 50 -40.69 -26.50 20.18
N PHE E 51 -39.88 -25.78 20.95
CA PHE E 51 -40.06 -25.70 22.39
C PHE E 51 -40.93 -24.54 22.83
N THR E 52 -41.45 -24.62 24.03
CA THR E 52 -42.29 -23.57 24.59
C THR E 52 -41.39 -22.76 25.52
N PRO E 53 -41.24 -21.46 25.23
CA PRO E 53 -40.40 -20.60 26.06
C PRO E 53 -41.06 -20.24 27.40
N VAL E 54 -40.25 -20.05 28.43
CA VAL E 54 -40.73 -19.70 29.75
C VAL E 54 -39.74 -18.72 30.35
N LYS E 55 -40.25 -17.61 30.89
CA LYS E 55 -39.37 -16.63 31.51
C LYS E 55 -39.64 -16.60 33.00
N ILE E 56 -38.59 -16.75 33.79
CA ILE E 56 -38.73 -16.72 35.25
C ILE E 56 -38.00 -15.50 35.78
N SER E 57 -38.75 -14.40 36.00
CA SER E 57 -38.16 -13.18 36.53
C SER E 57 -38.23 -13.19 38.04
N LEU E 58 -37.08 -13.09 38.68
CA LEU E 58 -37.05 -13.10 40.12
C LEU E 58 -36.99 -11.71 40.68
N ASP E 59 -37.54 -11.54 41.88
CA ASP E 59 -37.55 -10.22 42.54
C ASP E 59 -36.18 -10.04 43.18
N PHE E 60 -35.16 -9.84 42.38
CA PHE E 60 -33.83 -9.65 42.91
C PHE E 60 -33.80 -8.33 43.62
N PRO E 61 -33.15 -8.26 44.81
CA PRO E 61 -32.49 -9.33 45.54
C PRO E 61 -33.27 -9.98 46.66
N SER E 62 -34.54 -9.61 46.83
CA SER E 62 -35.33 -10.18 47.91
C SER E 62 -35.80 -11.59 47.64
N GLU E 63 -35.87 -11.96 46.36
CA GLU E 63 -36.30 -13.29 46.00
C GLU E 63 -35.14 -14.09 45.42
N TYR E 64 -34.89 -15.26 45.98
CA TYR E 64 -33.82 -16.12 45.51
C TYR E 64 -34.27 -17.58 45.53
N ILE E 65 -33.61 -18.40 44.71
CA ILE E 65 -33.93 -19.82 44.62
C ILE E 65 -33.51 -20.58 45.88
N MET E 66 -34.41 -21.38 46.42
CA MET E 66 -34.11 -22.14 47.63
C MET E 66 -33.96 -23.62 47.33
N GLU E 67 -34.60 -24.08 46.28
CA GLU E 67 -34.52 -25.48 45.89
C GLU E 67 -34.72 -25.65 44.40
N VAL E 68 -34.01 -26.64 43.85
CA VAL E 68 -34.11 -26.94 42.43
C VAL E 68 -34.39 -28.44 42.38
N SER E 69 -35.42 -28.81 41.65
CA SER E 69 -35.75 -30.23 41.54
C SER E 69 -36.14 -30.52 40.09
N GLY E 70 -36.21 -31.79 39.75
CA GLY E 70 -36.58 -32.14 38.39
C GLY E 70 -36.44 -33.62 38.15
N TYR E 71 -36.56 -34.01 36.89
CA TYR E 71 -36.44 -35.41 36.49
C TYR E 71 -35.45 -35.58 35.36
N THR E 72 -34.69 -36.67 35.43
CA THR E 72 -33.75 -37.00 34.37
C THR E 72 -34.36 -38.30 33.80
N GLY E 73 -34.33 -38.47 32.48
CA GLY E 73 -34.91 -39.66 31.90
C GLY E 73 -34.37 -40.03 30.55
N ASN E 74 -35.00 -41.01 29.90
CA ASN E 74 -34.59 -41.47 28.56
C ASN E 74 -35.47 -40.93 27.47
N VAL E 75 -34.84 -40.29 26.49
CA VAL E 75 -35.56 -39.75 25.35
C VAL E 75 -34.75 -40.10 24.10
N SER E 76 -35.31 -40.93 23.22
CA SER E 76 -34.64 -41.38 22.00
C SER E 76 -33.31 -42.01 22.36
N GLY E 77 -33.28 -42.68 23.49
CA GLY E 77 -32.06 -43.34 23.91
C GLY E 77 -31.01 -42.50 24.61
N TYR E 78 -31.26 -41.20 24.76
CA TYR E 78 -30.32 -40.32 25.43
C TYR E 78 -30.86 -39.97 26.81
N VAL E 79 -30.00 -39.99 27.81
CA VAL E 79 -30.42 -39.62 29.16
C VAL E 79 -30.34 -38.10 29.21
N VAL E 80 -31.47 -37.46 29.53
CA VAL E 80 -31.51 -36.00 29.59
C VAL E 80 -32.31 -35.50 30.78
N VAL E 81 -32.32 -34.18 30.96
CA VAL E 81 -33.09 -33.57 32.02
C VAL E 81 -34.47 -33.30 31.42
N ARG E 82 -35.44 -34.11 31.79
CA ARG E 82 -36.78 -34.00 31.25
C ARG E 82 -37.62 -32.92 31.90
N SER E 83 -37.43 -32.72 33.19
CA SER E 83 -38.20 -31.71 33.91
C SER E 83 -37.35 -30.89 34.86
N LEU E 84 -37.80 -29.67 35.13
CA LEU E 84 -37.09 -28.76 36.01
C LEU E 84 -38.10 -27.89 36.79
N THR E 85 -37.80 -27.64 38.06
CA THR E 85 -38.66 -26.83 38.92
C THR E 85 -37.81 -25.95 39.84
N PHE E 86 -38.14 -24.66 39.87
CA PHE E 86 -37.42 -23.72 40.70
C PHE E 86 -38.30 -23.18 41.81
N LYS E 87 -37.98 -23.50 43.06
CA LYS E 87 -38.74 -23.00 44.19
C LYS E 87 -37.95 -21.90 44.89
N THR E 88 -38.50 -20.69 44.94
CA THR E 88 -37.82 -19.57 45.62
C THR E 88 -38.49 -19.33 46.96
N ASN E 89 -38.05 -18.30 47.66
CA ASN E 89 -38.62 -17.97 48.97
C ASN E 89 -39.95 -17.26 48.82
N LYS E 90 -40.36 -17.01 47.57
CA LYS E 90 -41.63 -16.33 47.32
C LYS E 90 -42.61 -17.13 46.49
N LYS E 91 -42.11 -18.02 45.65
CA LYS E 91 -42.99 -18.71 44.74
C LYS E 91 -42.34 -19.98 44.17
N THR E 92 -43.15 -20.80 43.51
CA THR E 92 -42.67 -22.03 42.89
C THR E 92 -42.89 -21.90 41.41
N TYR E 93 -41.84 -22.11 40.62
CA TYR E 93 -41.95 -22.01 39.18
C TYR E 93 -41.79 -23.39 38.54
N GLY E 94 -42.88 -23.89 37.97
CA GLY E 94 -42.85 -25.19 37.34
C GLY E 94 -43.77 -26.17 38.05
N PRO E 95 -43.60 -27.47 37.79
CA PRO E 95 -42.62 -28.07 36.89
C PRO E 95 -42.78 -27.71 35.43
N TYR E 96 -41.66 -27.72 34.72
CA TYR E 96 -41.62 -27.44 33.30
C TYR E 96 -41.05 -28.70 32.67
N GLY E 97 -41.71 -29.19 31.63
CA GLY E 97 -41.23 -30.40 30.97
C GLY E 97 -42.04 -31.60 31.42
N VAL E 98 -41.50 -32.79 31.16
CA VAL E 98 -42.15 -34.03 31.51
C VAL E 98 -41.74 -34.56 32.87
N THR E 99 -42.67 -34.66 33.81
CA THR E 99 -42.30 -35.16 35.13
C THR E 99 -42.27 -36.69 35.19
N SER E 100 -41.36 -37.28 34.42
CA SER E 100 -41.23 -38.74 34.35
C SER E 100 -39.77 -39.18 34.26
N GLY E 101 -39.42 -40.23 35.01
CA GLY E 101 -38.05 -40.72 35.02
C GLY E 101 -37.56 -40.81 36.45
N THR E 102 -36.28 -40.53 36.71
CA THR E 102 -35.81 -40.54 38.10
C THR E 102 -35.68 -39.11 38.60
N PRO E 103 -36.25 -38.85 39.77
CA PRO E 103 -36.23 -37.52 40.40
C PRO E 103 -34.92 -37.15 41.11
N PHE E 104 -34.67 -35.85 41.21
CA PHE E 104 -33.51 -35.32 41.90
C PHE E 104 -33.94 -33.97 42.46
N ASN E 105 -33.41 -33.61 43.63
CA ASN E 105 -33.73 -32.30 44.20
C ASN E 105 -32.58 -31.77 45.03
N LEU E 106 -32.37 -30.46 44.96
CA LEU E 106 -31.31 -29.79 45.68
C LEU E 106 -31.88 -28.68 46.53
N PRO E 107 -32.12 -28.94 47.81
CA PRO E 107 -32.64 -27.95 48.74
C PRO E 107 -31.41 -27.25 49.31
N ILE E 108 -31.50 -25.94 49.56
CA ILE E 108 -30.37 -25.21 50.10
C ILE E 108 -30.68 -24.54 51.43
N GLU E 109 -30.09 -25.03 52.52
CA GLU E 109 -30.32 -24.42 53.82
C GLU E 109 -29.58 -23.09 53.92
N ASN E 110 -28.31 -23.11 53.54
CA ASN E 110 -27.50 -21.92 53.60
C ASN E 110 -26.65 -21.81 52.34
N GLY E 111 -26.84 -20.73 51.59
CA GLY E 111 -26.06 -20.55 50.37
C GLY E 111 -26.90 -20.08 49.20
N LEU E 112 -26.24 -19.78 48.09
CA LEU E 112 -26.95 -19.31 46.90
C LEU E 112 -26.43 -19.96 45.65
N ILE E 113 -27.29 -20.06 44.65
CA ILE E 113 -26.89 -20.61 43.38
C ILE E 113 -26.35 -19.40 42.64
N VAL E 114 -25.09 -19.45 42.22
CA VAL E 114 -24.49 -18.32 41.54
C VAL E 114 -24.01 -18.60 40.12
N GLY E 115 -24.35 -19.77 39.61
CA GLY E 115 -23.93 -20.08 38.25
C GLY E 115 -24.37 -21.44 37.78
N PHE E 116 -24.47 -21.56 36.46
CA PHE E 116 -24.89 -22.81 35.85
C PHE E 116 -23.88 -23.26 34.80
N LYS E 117 -23.82 -24.56 34.59
CA LYS E 117 -22.95 -25.14 33.56
C LYS E 117 -23.66 -26.43 33.16
N GLY E 118 -23.48 -26.85 31.91
CA GLY E 118 -24.12 -28.06 31.47
C GLY E 118 -23.84 -28.37 30.02
N SER E 119 -24.77 -29.09 29.40
CA SER E 119 -24.64 -29.47 28.00
C SER E 119 -26.00 -29.56 27.33
N ILE E 120 -26.06 -29.14 26.07
CA ILE E 120 -27.32 -29.17 25.34
C ILE E 120 -27.17 -29.61 23.90
N GLY E 121 -27.86 -30.71 23.57
CA GLY E 121 -27.86 -31.22 22.20
C GLY E 121 -29.28 -30.91 21.76
N TYR E 122 -30.08 -31.95 21.56
CA TYR E 122 -31.48 -31.76 21.20
C TYR E 122 -32.14 -31.30 22.48
N TRP E 123 -31.64 -31.80 23.59
CA TRP E 123 -32.17 -31.45 24.90
C TRP E 123 -31.04 -31.18 25.89
N LEU E 124 -31.40 -30.72 27.07
CA LEU E 124 -30.43 -30.45 28.10
C LEU E 124 -29.94 -31.84 28.57
N ASP E 125 -28.68 -32.14 28.25
CA ASP E 125 -28.09 -33.43 28.61
C ASP E 125 -27.89 -33.53 30.11
N TYR E 126 -27.31 -32.50 30.70
CA TYR E 126 -27.06 -32.50 32.13
C TYR E 126 -26.70 -31.10 32.53
N PHE E 127 -26.64 -30.85 33.84
CA PHE E 127 -26.28 -29.53 34.34
C PHE E 127 -25.75 -29.61 35.76
N SER E 128 -24.95 -28.61 36.13
CA SER E 128 -24.38 -28.52 37.46
C SER E 128 -24.56 -27.08 37.92
N MET E 129 -24.43 -26.84 39.21
CA MET E 129 -24.62 -25.50 39.73
C MET E 129 -23.50 -25.04 40.65
N TYR E 130 -23.20 -23.74 40.60
CA TYR E 130 -22.19 -23.13 41.46
C TYR E 130 -22.86 -22.66 42.74
N LEU E 131 -22.28 -23.00 43.89
CA LEU E 131 -22.83 -22.57 45.18
C LEU E 131 -21.87 -21.65 45.94
N SER E 132 -22.45 -20.68 46.65
CA SER E 132 -21.65 -19.72 47.40
C SER E 132 -22.45 -19.13 48.57
N LEU E 133 -21.74 -18.53 49.52
CA LEU E 133 -22.38 -17.88 50.64
C LEU E 133 -22.62 -16.43 50.21
N SER F 4 -2.98 -21.22 40.77
CA SER F 4 -3.27 -20.29 39.62
C SER F 4 -4.05 -19.07 40.08
N GLY F 5 -4.34 -18.18 39.15
CA GLY F 5 -5.04 -16.97 39.52
C GLY F 5 -6.52 -16.92 39.23
N LYS F 6 -7.17 -18.07 39.10
CA LYS F 6 -8.60 -18.12 38.84
C LYS F 6 -9.30 -18.47 40.14
N SER F 7 -10.28 -17.68 40.51
CA SER F 7 -11.04 -17.92 41.72
C SER F 7 -11.91 -19.15 41.56
N GLN F 8 -12.01 -19.98 42.59
CA GLN F 8 -12.87 -21.15 42.47
C GLN F 8 -14.00 -21.11 43.48
N THR F 9 -15.02 -21.94 43.24
CA THR F 9 -16.18 -22.00 44.10
C THR F 9 -16.76 -23.42 44.08
N VAL F 10 -17.59 -23.75 45.07
CA VAL F 10 -18.20 -25.07 45.15
C VAL F 10 -19.12 -25.33 43.96
N ILE F 11 -19.09 -26.57 43.47
CA ILE F 11 -19.95 -26.95 42.35
C ILE F 11 -20.56 -28.32 42.59
N VAL F 12 -21.89 -28.39 42.56
CA VAL F 12 -22.60 -29.64 42.74
C VAL F 12 -23.20 -30.07 41.42
N GLY F 13 -23.22 -31.38 41.20
CA GLY F 13 -23.74 -31.94 39.97
C GLY F 13 -22.73 -32.90 39.39
N PRO F 14 -22.92 -33.36 38.13
CA PRO F 14 -24.06 -33.01 37.27
C PRO F 14 -25.24 -33.92 37.49
N TRP F 15 -26.37 -33.49 36.96
CA TRP F 15 -27.60 -34.28 37.02
C TRP F 15 -27.96 -34.48 35.55
N GLY F 16 -28.25 -35.72 35.17
CA GLY F 16 -28.59 -36.00 33.79
C GLY F 16 -27.60 -36.98 33.18
N ALA F 17 -27.39 -36.87 31.87
CA ALA F 17 -26.47 -37.75 31.17
C ALA F 17 -25.11 -37.80 31.86
N LYS F 18 -24.58 -39.00 32.00
CA LYS F 18 -23.28 -39.19 32.63
C LYS F 18 -22.14 -39.03 31.61
N GLY G 1 -37.99 -37.30 65.95
CA GLY G 1 -36.72 -37.88 66.48
C GLY G 1 -35.85 -36.83 67.12
N LYS G 2 -34.71 -37.23 67.66
CA LYS G 2 -33.82 -36.25 68.27
C LYS G 2 -32.86 -35.68 67.24
N ALA G 3 -32.87 -34.36 67.13
CA ALA G 3 -32.01 -33.68 66.17
C ALA G 3 -30.55 -33.59 66.62
N PHE G 4 -29.67 -33.55 65.63
CA PHE G 4 -28.23 -33.45 65.88
C PHE G 4 -27.59 -32.56 64.81
N ASP G 5 -26.46 -31.95 65.16
CA ASP G 5 -25.74 -31.08 64.24
C ASP G 5 -24.27 -31.14 64.62
N ASP G 6 -23.49 -31.89 63.86
CA ASP G 6 -22.08 -32.01 64.18
C ASP G 6 -21.28 -30.77 63.89
N GLY G 7 -21.80 -29.91 63.01
CA GLY G 7 -21.06 -28.72 62.66
C GLY G 7 -20.11 -29.03 61.53
N ALA G 8 -19.14 -28.17 61.28
CA ALA G 8 -18.20 -28.40 60.18
C ALA G 8 -16.78 -28.69 60.64
N PHE G 9 -16.06 -29.44 59.81
CA PHE G 9 -14.69 -29.81 60.10
C PHE G 9 -13.79 -29.71 58.88
N THR G 10 -12.59 -30.26 58.99
CA THR G 10 -11.62 -30.21 57.92
C THR G 10 -11.87 -31.29 56.88
N GLY G 11 -12.51 -32.37 57.31
CA GLY G 11 -12.78 -33.46 56.40
C GLY G 11 -13.37 -34.67 57.10
N ILE G 12 -13.52 -35.74 56.34
CA ILE G 12 -14.10 -36.96 56.89
C ILE G 12 -13.12 -38.13 56.81
N ARG G 13 -12.98 -38.84 57.91
CA ARG G 13 -12.07 -39.96 57.99
C ARG G 13 -12.80 -41.31 57.99
N GLU G 14 -13.87 -41.39 58.79
CA GLU G 14 -14.61 -42.63 58.91
C GLU G 14 -16.09 -42.39 59.20
N ILE G 15 -16.94 -43.28 58.70
CA ILE G 15 -18.38 -43.15 58.93
C ILE G 15 -18.91 -44.46 59.50
N ASN G 16 -19.67 -44.38 60.59
CA ASN G 16 -20.24 -45.57 61.20
C ASN G 16 -21.74 -45.47 61.26
N LEU G 17 -22.42 -46.29 60.47
CA LEU G 17 -23.87 -46.27 60.47
C LEU G 17 -24.41 -47.69 60.59
N SER G 18 -25.70 -47.80 60.91
CA SER G 18 -26.33 -49.11 61.01
C SER G 18 -27.64 -49.03 60.25
N TYR G 19 -28.15 -50.18 59.84
CA TYR G 19 -29.40 -50.23 59.08
C TYR G 19 -30.10 -51.57 59.31
N ASN G 20 -31.30 -51.67 58.73
CA ASN G 20 -32.10 -52.89 58.80
C ASN G 20 -32.62 -53.06 57.38
N LYS G 21 -32.34 -54.19 56.75
CA LYS G 21 -32.80 -54.37 55.37
C LYS G 21 -34.30 -54.39 55.16
N GLU G 22 -35.06 -54.21 56.23
CA GLU G 22 -36.52 -54.18 56.12
C GLU G 22 -37.12 -52.83 56.43
N THR G 23 -36.42 -52.02 57.22
CA THR G 23 -36.93 -50.72 57.58
C THR G 23 -36.15 -49.57 56.94
N ALA G 24 -35.13 -49.06 57.66
CA ALA G 24 -34.33 -47.95 57.15
C ALA G 24 -33.01 -47.82 57.89
N ILE G 25 -32.41 -46.64 57.81
CA ILE G 25 -31.13 -46.38 58.47
C ILE G 25 -31.34 -46.14 59.96
N GLY G 26 -30.46 -46.70 60.78
CA GLY G 26 -30.60 -46.56 62.23
C GLY G 26 -29.66 -45.55 62.85
N ASP G 27 -28.51 -46.02 63.31
CA ASP G 27 -27.54 -45.13 63.94
C ASP G 27 -26.64 -44.43 62.93
N PHE G 28 -26.03 -43.32 63.36
CA PHE G 28 -25.13 -42.54 62.51
C PHE G 28 -24.07 -41.87 63.39
N GLN G 29 -22.81 -42.00 63.01
CA GLN G 29 -21.73 -41.42 63.78
C GLN G 29 -20.55 -41.23 62.82
N VAL G 30 -19.87 -40.10 62.93
CA VAL G 30 -18.76 -39.83 62.04
C VAL G 30 -17.47 -39.47 62.76
N VAL G 31 -16.35 -39.90 62.19
CA VAL G 31 -15.06 -39.55 62.76
C VAL G 31 -14.50 -38.55 61.76
N TYR G 32 -14.53 -37.27 62.13
CA TYR G 32 -14.04 -36.23 61.24
C TYR G 32 -12.54 -36.00 61.36
N ASP G 33 -12.04 -35.16 60.49
CA ASP G 33 -10.65 -34.77 60.54
C ASP G 33 -10.67 -33.32 60.99
N LEU G 34 -9.91 -33.01 62.03
CA LEU G 34 -9.85 -31.65 62.51
C LEU G 34 -8.42 -31.16 62.36
N ASN G 35 -8.14 -30.52 61.24
CA ASN G 35 -6.82 -29.99 60.96
C ASN G 35 -5.74 -31.05 61.16
N GLY G 36 -5.92 -32.19 60.49
CA GLY G 36 -4.93 -33.26 60.57
C GLY G 36 -5.07 -34.25 61.71
N SER G 37 -5.98 -33.99 62.63
CA SER G 37 -6.17 -34.90 63.75
C SER G 37 -7.58 -35.47 63.74
N PRO G 38 -7.69 -36.78 64.02
CA PRO G 38 -8.99 -37.45 64.03
C PRO G 38 -9.85 -36.82 65.11
N TYR G 39 -11.11 -36.61 64.80
CA TYR G 39 -12.03 -36.05 65.79
C TYR G 39 -13.25 -36.94 65.80
N VAL G 40 -13.44 -37.64 66.91
CA VAL G 40 -14.57 -38.56 67.05
C VAL G 40 -15.86 -37.83 67.31
N GLY G 41 -16.76 -37.88 66.33
CA GLY G 41 -18.05 -37.21 66.46
C GLY G 41 -18.96 -37.95 67.42
N GLN G 42 -19.97 -37.25 67.93
CA GLN G 42 -20.91 -37.86 68.87
C GLN G 42 -21.70 -38.93 68.13
N ASN G 43 -21.95 -40.05 68.79
CA ASN G 43 -22.71 -41.12 68.19
C ASN G 43 -24.20 -40.87 68.35
N HIS G 44 -24.90 -40.66 67.23
CA HIS G 44 -26.33 -40.40 67.24
C HIS G 44 -27.02 -41.73 67.05
N LYS G 45 -27.73 -42.18 68.09
CA LYS G 45 -28.39 -43.48 68.05
C LYS G 45 -29.89 -43.51 67.93
N SER G 46 -30.38 -44.61 67.38
CA SER G 46 -31.80 -44.84 67.20
C SER G 46 -32.45 -45.10 68.54
N PHE G 47 -33.74 -44.81 68.64
CA PHE G 47 -34.46 -45.03 69.87
C PHE G 47 -34.59 -46.54 70.12
N ILE G 48 -34.47 -47.32 69.05
CA ILE G 48 -34.57 -48.77 69.16
C ILE G 48 -33.26 -49.44 68.76
N THR G 49 -33.26 -50.77 68.78
CA THR G 49 -32.08 -51.54 68.41
C THR G 49 -32.42 -52.55 67.32
N GLY G 50 -31.47 -53.42 67.01
CA GLY G 50 -31.70 -54.43 66.00
C GLY G 50 -31.13 -54.12 64.63
N PHE G 51 -30.24 -53.13 64.57
CA PHE G 51 -29.64 -52.73 63.31
C PHE G 51 -28.31 -53.44 63.05
N THR G 52 -27.90 -53.45 61.79
CA THR G 52 -26.64 -54.05 61.39
C THR G 52 -25.63 -52.93 61.24
N PRO G 53 -24.57 -52.96 62.04
CA PRO G 53 -23.54 -51.93 61.97
C PRO G 53 -22.68 -52.04 60.72
N VAL G 54 -22.20 -50.90 60.25
CA VAL G 54 -21.34 -50.83 59.07
C VAL G 54 -20.31 -49.73 59.31
N LYS G 55 -19.04 -50.05 59.07
CA LYS G 55 -17.98 -49.09 59.24
C LYS G 55 -17.37 -48.77 57.87
N ILE G 56 -17.29 -47.49 57.55
CA ILE G 56 -16.73 -47.03 56.30
C ILE G 56 -15.46 -46.23 56.58
N SER G 57 -14.31 -46.90 56.50
CA SER G 57 -13.04 -46.24 56.74
C SER G 57 -12.50 -45.71 55.44
N LEU G 58 -12.28 -44.41 55.37
CA LEU G 58 -11.75 -43.81 54.16
C LEU G 58 -10.27 -43.62 54.30
N ASP G 59 -9.60 -43.67 53.16
CA ASP G 59 -8.20 -43.55 53.06
C ASP G 59 -7.86 -42.05 53.05
N PHE G 60 -8.15 -41.38 54.21
CA PHE G 60 -7.90 -39.95 54.32
C PHE G 60 -6.41 -39.72 54.23
N PRO G 61 -5.98 -38.68 53.51
CA PRO G 61 -6.76 -37.69 52.76
C PRO G 61 -6.84 -37.94 51.26
N SER G 62 -6.31 -39.05 50.77
CA SER G 62 -6.36 -39.31 49.33
C SER G 62 -7.73 -39.78 48.87
N GLU G 63 -8.52 -40.35 49.78
CA GLU G 63 -9.85 -40.80 49.42
C GLU G 63 -10.91 -39.92 50.08
N TYR G 64 -11.85 -39.41 49.28
CA TYR G 64 -12.91 -38.55 49.78
C TYR G 64 -14.20 -38.86 49.05
N ILE G 65 -15.32 -38.49 49.68
CA ILE G 65 -16.64 -38.72 49.10
C ILE G 65 -16.91 -37.80 47.91
N MET G 66 -17.37 -38.38 46.80
CA MET G 66 -17.66 -37.60 45.60
C MET G 66 -19.17 -37.49 45.37
N GLU G 67 -19.91 -38.47 45.86
CA GLU G 67 -21.36 -38.47 45.71
C GLU G 67 -22.05 -39.19 46.85
N VAL G 68 -23.24 -38.72 47.18
CA VAL G 68 -24.03 -39.33 48.22
C VAL G 68 -25.41 -39.51 47.62
N SER G 69 -25.94 -40.72 47.72
CA SER G 69 -27.25 -41.01 47.17
C SER G 69 -28.01 -41.91 48.13
N GLY G 70 -29.32 -42.00 47.94
CA GLY G 70 -30.11 -42.85 48.80
C GLY G 70 -31.58 -42.75 48.50
N TYR G 71 -32.39 -43.35 49.36
CA TYR G 71 -33.83 -43.31 49.21
C TYR G 71 -34.51 -42.85 50.49
N THR G 72 -35.56 -42.06 50.33
CA THR G 72 -36.35 -41.59 51.46
C THR G 72 -37.68 -42.28 51.22
N GLY G 73 -38.33 -42.74 52.27
CA GLY G 73 -39.59 -43.42 52.08
C GLY G 73 -40.48 -43.44 53.30
N ASN G 74 -41.55 -44.22 53.23
CA ASN G 74 -42.50 -44.31 54.33
C ASN G 74 -42.32 -45.59 55.14
N VAL G 75 -42.16 -45.45 56.45
CA VAL G 75 -41.99 -46.59 57.35
C VAL G 75 -42.84 -46.33 58.59
N SER G 76 -43.87 -47.13 58.79
CA SER G 76 -44.78 -46.97 59.91
C SER G 76 -45.37 -45.56 59.89
N GLY G 77 -45.60 -45.04 58.70
CA GLY G 77 -46.18 -43.72 58.59
C GLY G 77 -45.24 -42.54 58.73
N TYR G 78 -43.96 -42.81 58.97
CA TYR G 78 -42.99 -41.73 59.09
C TYR G 78 -42.10 -41.70 57.85
N VAL G 79 -41.83 -40.51 57.33
CA VAL G 79 -40.96 -40.39 56.17
C VAL G 79 -39.55 -40.40 56.71
N VAL G 80 -38.74 -41.33 56.26
CA VAL G 80 -37.36 -41.44 56.72
C VAL G 80 -36.38 -41.75 55.60
N VAL G 81 -35.10 -41.76 55.94
CA VAL G 81 -34.07 -42.08 54.96
C VAL G 81 -33.90 -43.60 55.05
N ARG G 82 -34.46 -44.30 54.06
CA ARG G 82 -34.42 -45.75 54.03
C ARG G 82 -33.09 -46.33 53.56
N SER G 83 -32.45 -45.66 52.62
CA SER G 83 -31.18 -46.15 52.08
C SER G 83 -30.15 -45.05 51.92
N LEU G 84 -28.88 -45.43 51.97
CA LEU G 84 -27.78 -44.47 51.84
C LEU G 84 -26.60 -45.12 51.10
N THR G 85 -25.95 -44.37 50.23
CA THR G 85 -24.80 -44.88 49.49
C THR G 85 -23.72 -43.80 49.37
N PHE G 86 -22.48 -44.18 49.67
CA PHE G 86 -21.36 -43.23 49.59
C PHE G 86 -20.36 -43.66 48.54
N LYS G 87 -20.23 -42.85 47.50
CA LYS G 87 -19.29 -43.16 46.43
C LYS G 87 -18.08 -42.23 46.53
N THR G 88 -16.90 -42.79 46.74
CA THR G 88 -15.69 -41.98 46.84
C THR G 88 -14.94 -42.04 45.53
N ASN G 89 -13.76 -41.42 45.49
CA ASN G 89 -12.96 -41.42 44.29
C ASN G 89 -12.24 -42.76 44.17
N LYS G 90 -12.43 -43.66 45.13
CA LYS G 90 -11.74 -44.94 45.08
C LYS G 90 -12.68 -46.17 45.14
N LYS G 91 -13.82 -46.00 45.78
CA LYS G 91 -14.71 -47.10 45.93
C LYS G 91 -16.16 -46.67 46.13
N THR G 92 -17.09 -47.62 46.10
CA THR G 92 -18.51 -47.33 46.34
C THR G 92 -18.90 -48.13 47.56
N TYR G 93 -19.50 -47.45 48.55
CA TYR G 93 -19.92 -48.10 49.78
C TYR G 93 -21.42 -48.13 49.85
N GLY G 94 -22.00 -49.32 49.71
CA GLY G 94 -23.44 -49.44 49.77
C GLY G 94 -24.00 -49.94 48.45
N PRO G 95 -25.33 -49.84 48.26
CA PRO G 95 -26.31 -49.29 49.19
C PRO G 95 -26.48 -50.01 50.51
N TYR G 96 -26.86 -49.27 51.52
CA TYR G 96 -27.11 -49.80 52.85
C TYR G 96 -28.56 -49.46 53.14
N GLY G 97 -29.34 -50.43 53.58
CA GLY G 97 -30.74 -50.17 53.88
C GLY G 97 -31.65 -50.66 52.76
N VAL G 98 -32.89 -50.19 52.76
CA VAL G 98 -33.85 -50.59 51.74
C VAL G 98 -33.87 -49.62 50.56
N THR G 99 -33.52 -50.10 49.37
CA THR G 99 -33.52 -49.23 48.21
C THR G 99 -34.92 -49.11 47.60
N SER G 100 -35.84 -48.51 48.36
CA SER G 100 -37.22 -48.35 47.92
C SER G 100 -37.77 -46.99 48.38
N GLY G 101 -38.53 -46.32 47.52
CA GLY G 101 -39.09 -45.02 47.87
C GLY G 101 -38.73 -44.01 46.79
N THR G 102 -38.46 -42.76 47.17
CA THR G 102 -38.05 -41.78 46.16
C THR G 102 -36.57 -41.56 46.34
N PRO G 103 -35.82 -41.61 45.25
CA PRO G 103 -34.37 -41.44 45.22
C PRO G 103 -33.88 -39.99 45.25
N PHE G 104 -32.66 -39.82 45.74
CA PHE G 104 -32.04 -38.51 45.80
C PHE G 104 -30.54 -38.75 45.66
N ASN G 105 -29.83 -37.83 45.02
CA ASN G 105 -28.40 -37.99 44.88
C ASN G 105 -27.69 -36.64 44.82
N LEU G 106 -26.52 -36.57 45.46
CA LEU G 106 -25.75 -35.33 45.49
C LEU G 106 -24.34 -35.55 45.00
N PRO G 107 -24.12 -35.27 43.73
CA PRO G 107 -22.80 -35.43 43.11
C PRO G 107 -22.06 -34.13 43.36
N ILE G 108 -20.75 -34.19 43.58
CA ILE G 108 -19.99 -32.98 43.83
C ILE G 108 -18.84 -32.80 42.84
N GLU G 109 -18.94 -31.81 41.95
CA GLU G 109 -17.87 -31.57 40.98
C GLU G 109 -16.68 -30.93 41.68
N ASN G 110 -16.93 -29.94 42.51
CA ASN G 110 -15.88 -29.25 43.22
C ASN G 110 -16.31 -28.97 44.64
N GLY G 111 -15.57 -29.49 45.61
CA GLY G 111 -15.92 -29.25 47.00
C GLY G 111 -15.81 -30.50 47.85
N LEU G 112 -16.08 -30.38 49.14
CA LEU G 112 -16.00 -31.50 50.04
C LEU G 112 -17.11 -31.46 51.06
N ILE G 113 -17.49 -32.64 51.55
CA ILE G 113 -18.50 -32.74 52.58
C ILE G 113 -17.68 -32.62 53.86
N VAL G 114 -17.99 -31.63 54.68
CA VAL G 114 -17.25 -31.42 55.91
C VAL G 114 -18.09 -31.54 57.17
N GLY G 115 -19.34 -31.94 57.02
CA GLY G 115 -20.16 -32.07 58.21
C GLY G 115 -21.55 -32.58 57.95
N PHE G 116 -22.14 -33.18 58.97
CA PHE G 116 -23.49 -33.72 58.88
C PHE G 116 -24.37 -33.17 59.99
N LYS G 117 -25.66 -33.14 59.74
CA LYS G 117 -26.65 -32.71 60.71
C LYS G 117 -27.93 -33.43 60.30
N GLY G 118 -28.79 -33.71 61.25
CA GLY G 118 -30.03 -34.40 60.92
C GLY G 118 -30.88 -34.70 62.13
N SER G 119 -31.66 -35.76 62.04
CA SER G 119 -32.51 -36.16 63.14
C SER G 119 -32.69 -37.66 63.16
N ILE G 120 -32.78 -38.23 64.34
CA ILE G 120 -32.96 -39.67 64.47
C ILE G 120 -33.92 -40.05 65.58
N GLY G 121 -34.96 -40.79 65.21
CA GLY G 121 -35.94 -41.28 66.16
C GLY G 121 -35.70 -42.78 66.11
N TYR G 122 -36.66 -43.51 65.55
CA TYR G 122 -36.50 -44.95 65.39
C TYR G 122 -35.53 -45.10 64.23
N TRP G 123 -35.63 -44.16 63.29
CA TRP G 123 -34.79 -44.14 62.10
C TRP G 123 -34.30 -42.72 61.80
N LEU G 124 -33.37 -42.62 60.86
CA LEU G 124 -32.83 -41.35 60.44
C LEU G 124 -33.96 -40.62 59.72
N ASP G 125 -34.53 -39.61 60.37
CA ASP G 125 -35.63 -38.84 59.79
C ASP G 125 -35.24 -38.05 58.56
N TYR G 126 -34.10 -37.36 58.67
CA TYR G 126 -33.60 -36.55 57.57
C TYR G 126 -32.18 -36.14 57.89
N PHE G 127 -31.49 -35.59 56.90
CA PHE G 127 -30.13 -35.14 57.12
C PHE G 127 -29.75 -34.09 56.08
N SER G 128 -28.74 -33.29 56.43
CA SER G 128 -28.23 -32.24 55.55
C SER G 128 -26.73 -32.31 55.63
N MET G 129 -26.04 -31.72 54.65
CA MET G 129 -24.59 -31.78 54.67
C MET G 129 -23.94 -30.42 54.49
N TYR G 130 -22.78 -30.25 55.14
CA TYR G 130 -22.01 -29.02 55.02
C TYR G 130 -21.03 -29.22 53.86
N LEU G 131 -21.02 -28.30 52.92
CA LEU G 131 -20.11 -28.37 51.77
C LEU G 131 -19.08 -27.25 51.88
N SER G 132 -17.84 -27.52 51.50
CA SER G 132 -16.79 -26.50 51.57
C SER G 132 -15.71 -26.73 50.53
N LEU G 133 -14.75 -25.84 50.46
CA LEU G 133 -13.66 -25.99 49.51
C LEU G 133 -12.46 -26.52 50.27
N SER H 4 -22.39 -11.70 63.35
CA SER H 4 -21.98 -12.43 64.59
C SER H 4 -20.60 -13.05 64.42
N GLY H 5 -20.12 -13.71 65.46
CA GLY H 5 -18.80 -14.30 65.41
C GLY H 5 -18.73 -15.79 65.13
N LYS H 6 -19.78 -16.36 64.54
CA LYS H 6 -19.79 -17.78 64.22
C LYS H 6 -19.57 -17.93 62.72
N SER H 7 -18.60 -18.76 62.36
CA SER H 7 -18.28 -18.99 60.96
C SER H 7 -19.38 -19.80 60.28
N GLN H 8 -19.76 -19.43 59.06
CA GLN H 8 -20.80 -20.19 58.39
C GLN H 8 -20.26 -20.86 57.14
N THR H 9 -21.00 -21.85 56.65
CA THR H 9 -20.62 -22.60 55.47
C THR H 9 -21.88 -23.05 54.73
N VAL H 10 -21.73 -23.43 53.46
CA VAL H 10 -22.86 -23.88 52.65
C VAL H 10 -23.47 -25.16 53.20
N ILE H 11 -24.79 -25.24 53.18
CA ILE H 11 -25.49 -26.43 53.67
C ILE H 11 -26.60 -26.82 52.71
N VAL H 12 -26.55 -28.06 52.23
CA VAL H 12 -27.58 -28.55 51.31
C VAL H 12 -28.43 -29.59 52.02
N GLY H 13 -29.72 -29.59 51.69
CA GLY H 13 -30.65 -30.52 52.31
C GLY H 13 -31.83 -29.74 52.83
N PRO H 14 -32.70 -30.36 53.64
CA PRO H 14 -32.61 -31.76 54.08
C PRO H 14 -33.26 -32.72 53.11
N TRP H 15 -32.97 -34.00 53.31
CA TRP H 15 -33.56 -35.06 52.52
C TRP H 15 -34.27 -35.94 53.53
N GLY H 16 -35.52 -36.26 53.24
CA GLY H 16 -36.28 -37.09 54.15
C GLY H 16 -37.48 -36.36 54.71
N ALA H 17 -37.78 -36.65 55.98
CA ALA H 17 -38.90 -36.03 56.68
C ALA H 17 -38.93 -34.52 56.43
N LYS H 18 -40.09 -34.03 56.01
CA LYS H 18 -40.27 -32.61 55.72
C LYS H 18 -40.02 -31.72 56.93
#